data_9PW7
#
_entry.id   9PW7
#
_cell.length_a   97.787
_cell.length_b   136.366
_cell.length_c   38.440
_cell.angle_alpha   90.00
_cell.angle_beta   90.00
_cell.angle_gamma   90.00
#
_symmetry.space_group_name_H-M   'P 21 21 2'
#
loop_
_entity.id
_entity.type
_entity.pdbx_description
1 polymer 'Maltodextrin-binding protein,Induced myeloid leukemia cell differentiation protein Mcl-1'
2 branched alpha-D-glucopyranose-(1-4)-alpha-D-glucopyranose
3 non-polymer '(2S,4R,5S,12P,23R)-11-chloro-7-[3-(4-chloro-3,5-dimethylphenoxy)propyl]-27,28-dimethoxy-4,15-dimethyl-32-oxo-19-oxa-2,5,15,16,23-pentaazaheptacyclo[21.6.1.1~2,6~.1~5,8~.0~12,31~.0~13,17~.0~26,30~]dotriaconta-1(30),6,8(31),9,11,13,16,24,26,28-decaene-24-carboxylic acid (non-preferred name)'
4 water water
#
_entity_poly.entity_id   1
_entity_poly.type   'polypeptide(L)'
_entity_poly.pdbx_seq_one_letter_code
;GKIEEGKLVIWINGDKGYNGLAEVGKKFEKDTGIKVTVEHPDKLEEKFPQVAATGDGPDIIFWAHDRFGGYAQSGLLAEI
TPDKAFQDKLYPFTWDAVRYNGKLIAYPIAVEALSLIYNKDLLPNPPKTWEEIPALDKELKAKGKSALMFNLQEPYFTWP
LIAADGGYAFKYENGKYDIKDVGVDNAGAKAGLTFLVDLIKNKHMNADTDYSIAEAAFNKGETAMTINGPWAWSNIDTSK
VNYGVTVLPTFKGQPSKPFVGVLSAGINAASPNKELAKEFLENYLLTDEGLEAVNKDKPLGAVALKSYEEELAKDPRIAA
TMENAQKGEIMPNIPQMSAFWYAVRTAVINAASGRQTVDEALKDAQTGSELYRQSLEIISRYLREQATGAKDTKPMGRSG
ATSRKALETLRRVGDGVQRNHETAFQGMLRKLDIKNEDDVKSLSRVMIHVFSDGVTNWGRIVTLISFGAFVAKHLKTINQ
ESCIEPLAESITDVLVRTKRDWLVKQRGWDGFVEFFH
;
_entity_poly.pdbx_strand_id   A
#
# COMPACT_ATOMS: atom_id res chain seq x y z
N GLY A 1 -10.29 12.22 -24.90
CA GLY A 1 -10.79 11.28 -23.90
C GLY A 1 -10.56 9.83 -24.27
N LYS A 2 -10.80 8.94 -23.31
CA LYS A 2 -10.66 7.49 -23.52
C LYS A 2 -11.76 6.69 -22.82
N ILE A 3 -12.04 7.02 -21.55
CA ILE A 3 -13.09 6.31 -20.83
C ILE A 3 -14.44 6.62 -21.45
N GLU A 4 -15.26 5.59 -21.67
CA GLU A 4 -16.49 5.78 -22.42
C GLU A 4 -17.55 6.48 -21.57
N GLU A 5 -18.18 7.50 -22.14
CA GLU A 5 -19.29 8.17 -21.48
C GLU A 5 -20.56 7.34 -21.63
N GLY A 6 -21.38 7.34 -20.58
CA GLY A 6 -22.67 6.70 -20.65
C GLY A 6 -22.78 5.34 -20.00
N LYS A 7 -21.72 4.87 -19.34
CA LYS A 7 -21.77 3.61 -18.61
C LYS A 7 -20.76 3.69 -17.47
N LEU A 8 -20.76 2.64 -16.63
CA LEU A 8 -19.87 2.58 -15.47
C LEU A 8 -19.09 1.28 -15.54
N VAL A 9 -17.77 1.38 -15.52
CA VAL A 9 -16.88 0.23 -15.38
C VAL A 9 -16.24 0.30 -14.01
N ILE A 10 -16.27 -0.82 -13.30
CA ILE A 10 -15.80 -0.91 -11.92
C ILE A 10 -14.74 -1.99 -11.83
N TRP A 11 -13.70 -1.73 -11.05
CA TRP A 11 -12.67 -2.73 -10.74
C TRP A 11 -12.72 -3.04 -9.25
N ILE A 12 -12.78 -4.33 -8.92
CA ILE A 12 -12.76 -4.79 -7.53
C ILE A 12 -11.96 -6.09 -7.49
N ASN A 13 -11.31 -6.35 -6.35
CA ASN A 13 -10.43 -7.52 -6.27
C ASN A 13 -11.23 -8.81 -6.35
N GLY A 14 -10.57 -9.85 -6.88
CA GLY A 14 -11.21 -11.13 -7.13
C GLY A 14 -11.64 -11.88 -5.88
N ASP A 15 -11.16 -11.49 -4.71
CA ASP A 15 -11.58 -12.12 -3.46
C ASP A 15 -12.78 -11.44 -2.83
N LYS A 16 -13.28 -10.37 -3.43
CA LYS A 16 -14.44 -9.65 -2.92
C LYS A 16 -15.71 -10.11 -3.63
N GLY A 17 -16.85 -9.62 -3.14
CA GLY A 17 -18.14 -10.01 -3.68
C GLY A 17 -18.55 -9.32 -4.97
N TYR A 18 -17.82 -9.57 -6.06
CA TYR A 18 -18.08 -8.83 -7.28
C TYR A 18 -19.41 -9.21 -7.92
N ASN A 19 -19.93 -10.43 -7.68
CA ASN A 19 -21.24 -10.77 -8.22
C ASN A 19 -22.35 -9.99 -7.52
N GLY A 20 -22.27 -9.85 -6.20
CA GLY A 20 -23.22 -8.98 -5.50
C GLY A 20 -23.10 -7.53 -5.93
N LEU A 21 -21.88 -7.06 -6.18
CA LEU A 21 -21.71 -5.73 -6.73
C LEU A 21 -22.39 -5.60 -8.08
N ALA A 22 -22.25 -6.62 -8.93
CA ALA A 22 -22.92 -6.61 -10.23
C ALA A 22 -24.44 -6.61 -10.08
N GLU A 23 -24.96 -7.25 -9.03
CA GLU A 23 -26.40 -7.18 -8.76
C GLU A 23 -26.82 -5.75 -8.44
N VAL A 24 -26.02 -5.07 -7.60
CA VAL A 24 -26.29 -3.65 -7.35
C VAL A 24 -26.24 -2.86 -8.64
N GLY A 25 -25.26 -3.16 -9.50
CA GLY A 25 -25.17 -2.48 -10.79
C GLY A 25 -26.35 -2.75 -11.68
N LYS A 26 -26.92 -3.95 -11.60
CA LYS A 26 -28.10 -4.26 -12.39
C LYS A 26 -29.33 -3.52 -11.85
N LYS A 27 -29.43 -3.34 -10.54
CA LYS A 27 -30.48 -2.48 -10.01
C LYS A 27 -30.30 -1.03 -10.49
N PHE A 28 -29.05 -0.55 -10.52
CA PHE A 28 -28.75 0.78 -11.05
C PHE A 28 -29.18 0.89 -12.50
N GLU A 29 -28.94 -0.15 -13.30
CA GLU A 29 -29.34 -0.12 -14.71
C GLU A 29 -30.86 -0.17 -14.85
N LYS A 30 -31.54 -0.95 -14.01
CA LYS A 30 -33.00 -0.98 -14.04
C LYS A 30 -33.57 0.41 -13.78
N ASP A 31 -32.97 1.14 -12.85
CA ASP A 31 -33.47 2.48 -12.54
C ASP A 31 -33.12 3.49 -13.64
N THR A 32 -31.86 3.50 -14.09
CA THR A 32 -31.36 4.57 -14.92
C THR A 32 -31.15 4.21 -16.38
N GLY A 33 -31.07 2.92 -16.72
CA GLY A 33 -30.70 2.52 -18.06
C GLY A 33 -29.21 2.58 -18.35
N ILE A 34 -28.38 2.79 -17.32
CA ILE A 34 -26.94 2.88 -17.46
C ILE A 34 -26.33 1.53 -17.09
N LYS A 35 -25.63 0.91 -18.03
CA LYS A 35 -25.06 -0.41 -17.81
C LYS A 35 -23.82 -0.33 -16.92
N VAL A 36 -23.77 -1.20 -15.91
CA VAL A 36 -22.66 -1.24 -14.96
C VAL A 36 -21.93 -2.57 -15.16
N THR A 37 -20.65 -2.49 -15.52
CA THR A 37 -19.81 -3.66 -15.75
C THR A 37 -18.81 -3.76 -14.61
N VAL A 38 -18.81 -4.88 -13.90
CA VAL A 38 -17.87 -5.12 -12.81
C VAL A 38 -16.82 -6.11 -13.32
N GLU A 39 -15.56 -5.74 -13.17
CA GLU A 39 -14.44 -6.61 -13.55
C GLU A 39 -13.53 -6.78 -12.36
N HIS A 40 -12.79 -7.89 -12.34
CA HIS A 40 -11.82 -8.17 -11.28
C HIS A 40 -10.51 -8.63 -11.90
N PRO A 41 -9.82 -7.76 -12.61
CA PRO A 41 -8.56 -8.17 -13.26
C PRO A 41 -7.48 -8.45 -12.24
N ASP A 42 -6.53 -9.30 -12.63
CA ASP A 42 -5.37 -9.56 -11.79
C ASP A 42 -4.57 -8.28 -11.58
N LYS A 43 -4.00 -8.14 -10.38
CA LYS A 43 -3.08 -7.05 -10.06
C LYS A 43 -3.68 -5.69 -10.39
N LEU A 44 -4.98 -5.53 -10.13
CA LEU A 44 -5.65 -4.29 -10.50
C LEU A 44 -5.07 -3.09 -9.73
N GLU A 45 -4.55 -3.31 -8.52
CA GLU A 45 -3.99 -2.21 -7.75
C GLU A 45 -2.69 -1.70 -8.35
N GLU A 46 -2.00 -2.52 -9.13
CA GLU A 46 -0.83 -2.07 -9.88
C GLU A 46 -1.20 -1.59 -11.27
N LYS A 47 -2.24 -2.17 -11.87
CA LYS A 47 -2.67 -1.77 -13.20
C LYS A 47 -3.32 -0.39 -13.19
N PHE A 48 -4.07 -0.06 -12.13
CA PHE A 48 -4.80 1.20 -12.12
C PHE A 48 -3.91 2.42 -12.23
N PRO A 49 -2.81 2.56 -11.47
CA PRO A 49 -1.96 3.75 -11.66
C PRO A 49 -1.49 3.93 -13.09
N GLN A 50 -1.06 2.83 -13.73
CA GLN A 50 -0.52 2.91 -15.08
C GLN A 50 -1.57 3.37 -16.08
N VAL A 51 -2.75 2.74 -16.08
CA VAL A 51 -3.72 3.07 -17.11
C VAL A 51 -4.42 4.38 -16.81
N ALA A 52 -4.62 4.71 -15.53
CA ALA A 52 -5.25 5.98 -15.17
C ALA A 52 -4.33 7.16 -15.45
N ALA A 53 -3.01 6.99 -15.32
CA ALA A 53 -2.10 8.08 -15.66
C ALA A 53 -2.30 8.55 -17.10
N THR A 54 -2.64 7.64 -18.02
CA THR A 54 -2.87 8.01 -19.41
C THR A 54 -4.33 8.31 -19.72
N GLY A 55 -5.18 8.41 -18.71
CA GLY A 55 -6.57 8.78 -18.89
C GLY A 55 -7.50 7.64 -19.19
N ASP A 56 -7.10 6.40 -18.91
CA ASP A 56 -7.95 5.24 -19.14
C ASP A 56 -8.30 4.59 -17.81
N GLY A 57 -8.75 3.34 -17.85
CA GLY A 57 -9.06 2.60 -16.65
C GLY A 57 -10.54 2.60 -16.34
N PRO A 58 -10.90 2.08 -15.16
CA PRO A 58 -12.31 2.03 -14.79
C PRO A 58 -12.82 3.38 -14.32
N ASP A 59 -14.15 3.51 -14.27
CA ASP A 59 -14.75 4.69 -13.66
C ASP A 59 -14.57 4.66 -12.14
N ILE A 60 -14.67 3.47 -11.54
CA ILE A 60 -14.58 3.29 -10.10
C ILE A 60 -13.59 2.17 -9.81
N ILE A 61 -12.71 2.38 -8.85
CA ILE A 61 -11.78 1.34 -8.40
C ILE A 61 -12.02 1.07 -6.93
N PHE A 62 -12.11 -0.22 -6.58
CA PHE A 62 -12.25 -0.66 -5.20
C PHE A 62 -10.93 -1.24 -4.72
N TRP A 63 -10.50 -0.80 -3.53
CA TRP A 63 -9.33 -1.39 -2.88
C TRP A 63 -9.33 -0.89 -1.44
N ALA A 64 -8.48 -1.49 -0.62
CA ALA A 64 -8.23 -0.94 0.71
C ALA A 64 -7.61 0.44 0.58
N HIS A 65 -7.88 1.28 1.58
CA HIS A 65 -7.54 2.70 1.49
C HIS A 65 -6.03 2.96 1.37
N ASP A 66 -5.19 1.99 1.74
CA ASP A 66 -3.76 2.27 1.84
C ASP A 66 -3.14 2.68 0.50
N ARG A 67 -3.72 2.23 -0.61
CA ARG A 67 -3.17 2.60 -1.92
C ARG A 67 -3.63 3.98 -2.38
N PHE A 68 -4.78 4.45 -1.88
CA PHE A 68 -5.48 5.54 -2.55
C PHE A 68 -4.70 6.85 -2.45
N GLY A 69 -3.99 7.07 -1.34
CA GLY A 69 -3.18 8.26 -1.23
C GLY A 69 -2.22 8.40 -2.39
N GLY A 70 -1.53 7.30 -2.74
CA GLY A 70 -0.66 7.35 -3.90
C GLY A 70 -1.41 7.76 -5.15
N TYR A 71 -2.57 7.14 -5.39
CA TYR A 71 -3.38 7.53 -6.54
C TYR A 71 -3.76 9.00 -6.46
N ALA A 72 -4.08 9.48 -5.25
CA ALA A 72 -4.40 10.89 -5.11
C ALA A 72 -3.18 11.75 -5.36
N GLN A 73 -1.99 11.29 -4.94
CA GLN A 73 -0.79 12.08 -5.16
C GLN A 73 -0.50 12.23 -6.65
N SER A 74 -0.86 11.24 -7.45
CA SER A 74 -0.62 11.25 -8.88
C SER A 74 -1.76 11.91 -9.66
N GLY A 75 -2.78 12.43 -8.99
CA GLY A 75 -3.87 13.11 -9.67
C GLY A 75 -4.88 12.19 -10.34
N LEU A 76 -4.99 10.95 -9.89
CA LEU A 76 -5.84 9.96 -10.55
C LEU A 76 -7.22 9.81 -9.92
N LEU A 77 -7.49 10.48 -8.81
CA LEU A 77 -8.75 10.30 -8.09
C LEU A 77 -9.50 11.62 -8.02
N ALA A 78 -10.80 11.57 -8.33
CA ALA A 78 -11.65 12.75 -8.21
C ALA A 78 -12.00 13.02 -6.76
N GLU A 79 -12.09 14.29 -6.40
CA GLU A 79 -12.43 14.65 -5.04
C GLU A 79 -13.89 14.29 -4.73
N ILE A 80 -14.10 13.77 -3.53
CA ILE A 80 -15.42 13.34 -3.07
C ILE A 80 -15.98 14.42 -2.16
N THR A 81 -17.17 14.90 -2.48
CA THR A 81 -17.83 15.97 -1.72
C THR A 81 -19.26 15.57 -1.40
N PRO A 82 -19.45 14.57 -0.54
CA PRO A 82 -20.81 14.21 -0.13
C PRO A 82 -21.34 15.21 0.88
N ASP A 83 -22.65 15.47 0.82
CA ASP A 83 -23.23 16.43 1.73
C ASP A 83 -23.25 15.87 3.15
N LYS A 84 -23.55 16.74 4.11
CA LYS A 84 -23.50 16.34 5.52
C LYS A 84 -24.43 15.17 5.79
N ALA A 85 -25.64 15.19 5.22
CA ALA A 85 -26.60 14.12 5.46
C ALA A 85 -26.01 12.75 5.12
N PHE A 86 -25.32 12.64 3.98
CA PHE A 86 -24.75 11.34 3.62
C PHE A 86 -23.49 11.05 4.43
N GLN A 87 -22.64 12.05 4.63
CA GLN A 87 -21.43 11.85 5.43
C GLN A 87 -21.76 11.31 6.81
N ASP A 88 -22.86 11.79 7.41
CA ASP A 88 -23.26 11.38 8.75
C ASP A 88 -23.72 9.93 8.82
N LYS A 89 -23.96 9.29 7.67
CA LYS A 89 -24.40 7.90 7.69
C LYS A 89 -23.24 6.94 7.88
N LEU A 90 -22.00 7.37 7.67
CA LEU A 90 -20.83 6.53 7.79
C LEU A 90 -20.02 6.94 9.02
N TYR A 91 -19.29 5.99 9.57
CA TYR A 91 -18.53 6.24 10.79
C TYR A 91 -17.38 7.22 10.48
N PRO A 92 -17.20 8.24 11.34
CA PRO A 92 -16.13 9.22 11.10
C PRO A 92 -14.75 8.62 10.81
N PHE A 93 -14.33 7.58 11.53
CA PHE A 93 -12.98 7.06 11.30
C PHE A 93 -12.83 6.43 9.93
N THR A 94 -13.93 5.92 9.35
CA THR A 94 -13.84 5.42 7.97
C THR A 94 -13.65 6.57 6.99
N TRP A 95 -14.27 7.73 7.25
CA TRP A 95 -13.98 8.90 6.43
C TRP A 95 -12.52 9.35 6.62
N ASP A 96 -12.03 9.29 7.86
CA ASP A 96 -10.64 9.66 8.12
C ASP A 96 -9.67 8.80 7.33
N ALA A 97 -10.01 7.52 7.11
CA ALA A 97 -9.13 6.64 6.35
C ALA A 97 -8.99 7.06 4.88
N VAL A 98 -9.98 7.76 4.32
CA VAL A 98 -9.96 8.09 2.90
C VAL A 98 -9.72 9.59 2.69
N ARG A 99 -9.18 10.28 3.68
CA ARG A 99 -8.84 11.69 3.53
C ARG A 99 -7.36 11.81 3.21
N TYR A 100 -7.03 12.63 2.21
CA TYR A 100 -5.65 12.84 1.80
C TYR A 100 -5.45 14.31 1.50
N ASN A 101 -4.51 14.94 2.20
CA ASN A 101 -4.25 16.38 2.09
C ASN A 101 -5.53 17.18 2.28
N GLY A 102 -6.31 16.80 3.30
CA GLY A 102 -7.52 17.51 3.63
C GLY A 102 -8.66 17.32 2.65
N LYS A 103 -8.53 16.41 1.69
CA LYS A 103 -9.58 16.15 0.72
C LYS A 103 -10.03 14.70 0.83
N LEU A 104 -11.33 14.47 0.73
CA LEU A 104 -11.88 13.13 0.67
C LEU A 104 -11.67 12.58 -0.75
N ILE A 105 -10.98 11.45 -0.86
CA ILE A 105 -10.58 10.94 -2.17
C ILE A 105 -11.23 9.60 -2.47
N ALA A 106 -12.12 9.11 -1.61
CA ALA A 106 -12.82 7.86 -1.83
C ALA A 106 -14.03 7.80 -0.91
N TYR A 107 -14.94 6.87 -1.22
CA TYR A 107 -16.02 6.49 -0.32
C TYR A 107 -15.58 5.28 0.48
N PRO A 108 -15.63 5.31 1.81
CA PRO A 108 -15.31 4.10 2.57
C PRO A 108 -16.49 3.13 2.51
N ILE A 109 -16.17 1.85 2.37
CA ILE A 109 -17.16 0.79 2.26
C ILE A 109 -17.19 -0.08 3.51
N ALA A 110 -16.02 -0.58 3.93
CA ALA A 110 -16.04 -1.56 5.01
C ALA A 110 -14.68 -1.65 5.69
N VAL A 111 -14.68 -2.03 6.96
CA VAL A 111 -13.46 -2.19 7.75
C VAL A 111 -13.09 -3.67 7.77
N GLU A 112 -11.85 -3.97 7.35
CA GLU A 112 -11.31 -5.32 7.28
C GLU A 112 -10.13 -5.46 8.22
N ALA A 113 -10.09 -6.59 8.93
CA ALA A 113 -8.97 -7.00 9.74
C ALA A 113 -8.89 -8.52 9.73
N LEU A 114 -7.66 -9.04 9.75
CA LEU A 114 -7.47 -10.48 9.81
C LEU A 114 -7.84 -11.03 11.17
N SER A 115 -8.37 -12.25 11.17
CA SER A 115 -8.62 -12.99 12.39
C SER A 115 -8.02 -14.38 12.28
N LEU A 116 -7.97 -15.05 13.43
CA LEU A 116 -7.61 -16.47 13.48
C LEU A 116 -8.90 -17.27 13.25
N ILE A 117 -8.94 -18.01 12.16
CA ILE A 117 -10.05 -18.89 11.83
C ILE A 117 -9.63 -20.30 12.21
N TYR A 118 -10.49 -21.01 12.95
CA TYR A 118 -10.08 -22.30 13.46
C TYR A 118 -11.22 -23.31 13.33
N ASN A 119 -10.82 -24.59 13.24
CA ASN A 119 -11.75 -25.69 13.03
C ASN A 119 -12.14 -26.25 14.40
N LYS A 120 -13.39 -26.00 14.81
CA LYS A 120 -13.83 -26.41 16.13
C LYS A 120 -13.81 -27.93 16.30
N ASP A 121 -13.96 -28.69 15.21
CA ASP A 121 -13.93 -30.14 15.31
C ASP A 121 -12.52 -30.67 15.53
N LEU A 122 -11.49 -29.91 15.16
CA LEU A 122 -10.11 -30.28 15.43
C LEU A 122 -9.53 -29.56 16.63
N LEU A 123 -9.97 -28.33 16.90
CA LEU A 123 -9.43 -27.47 17.94
C LEU A 123 -10.56 -26.78 18.68
N PRO A 124 -11.20 -27.47 19.62
CA PRO A 124 -12.23 -26.81 20.44
C PRO A 124 -11.73 -25.58 21.16
N ASN A 125 -10.44 -25.51 21.44
CA ASN A 125 -9.84 -24.34 22.09
C ASN A 125 -8.61 -23.92 21.30
N PRO A 126 -8.71 -22.87 20.50
CA PRO A 126 -7.57 -22.41 19.70
C PRO A 126 -6.47 -21.85 20.61
N PRO A 127 -5.22 -21.87 20.16
CA PRO A 127 -4.12 -21.40 20.99
C PRO A 127 -4.20 -19.89 21.21
N LYS A 128 -3.88 -19.47 22.44
CA LYS A 128 -3.82 -18.05 22.74
C LYS A 128 -2.48 -17.43 22.37
N THR A 129 -1.43 -18.24 22.17
CA THR A 129 -0.09 -17.75 21.89
C THR A 129 0.45 -18.39 20.62
N TRP A 130 1.26 -17.62 19.89
CA TRP A 130 2.02 -18.18 18.78
C TRP A 130 2.95 -19.29 19.25
N GLU A 131 3.49 -19.14 20.47
CA GLU A 131 4.57 -20.00 20.94
C GLU A 131 4.11 -21.43 21.17
N GLU A 132 2.83 -21.65 21.44
CA GLU A 132 2.35 -23.00 21.65
C GLU A 132 1.93 -23.70 20.36
N ILE A 133 2.12 -23.05 19.21
CA ILE A 133 1.71 -23.62 17.93
C ILE A 133 2.65 -24.76 17.49
N PRO A 134 3.97 -24.71 17.72
CA PRO A 134 4.79 -25.88 17.34
C PRO A 134 4.38 -27.18 18.04
N ALA A 135 4.17 -27.13 19.36
CA ALA A 135 3.70 -28.31 20.07
C ALA A 135 2.33 -28.77 19.58
N LEU A 136 1.44 -27.81 19.30
CA LEU A 136 0.13 -28.16 18.79
C LEU A 136 0.22 -28.79 17.41
N ASP A 137 1.17 -28.33 16.59
CA ASP A 137 1.37 -28.93 15.28
C ASP A 137 1.89 -30.35 15.41
N LYS A 138 2.76 -30.59 16.39
CA LYS A 138 3.21 -31.96 16.63
C LYS A 138 2.04 -32.86 17.03
N GLU A 139 1.22 -32.37 17.96
CA GLU A 139 0.04 -33.13 18.40
C GLU A 139 -0.88 -33.45 17.22
N LEU A 140 -1.08 -32.49 16.31
CA LEU A 140 -1.99 -32.70 15.19
C LEU A 140 -1.35 -33.55 14.09
N LYS A 141 -0.04 -33.44 13.87
CA LYS A 141 0.63 -34.30 12.92
C LYS A 141 0.53 -35.75 13.34
N ALA A 142 0.54 -36.01 14.65
CA ALA A 142 0.35 -37.37 15.14
C ALA A 142 -0.94 -38.01 14.62
N LYS A 143 -1.93 -37.22 14.22
CA LYS A 143 -3.23 -37.75 13.82
C LYS A 143 -3.59 -37.34 12.38
N GLY A 144 -2.59 -37.04 11.55
CA GLY A 144 -2.84 -36.78 10.15
C GLY A 144 -3.25 -35.38 9.79
N LYS A 145 -3.04 -34.41 10.67
CA LYS A 145 -3.46 -33.04 10.45
C LYS A 145 -2.26 -32.11 10.65
N SER A 146 -2.48 -30.82 10.40
CA SER A 146 -1.50 -29.79 10.68
C SER A 146 -2.18 -28.65 11.41
N ALA A 147 -1.37 -27.86 12.12
CA ALA A 147 -1.90 -26.82 12.99
C ALA A 147 -2.35 -25.59 12.21
N LEU A 148 -1.51 -25.07 11.32
CA LEU A 148 -1.75 -23.73 10.77
C LEU A 148 -1.22 -23.61 9.34
N MET A 149 -2.06 -23.03 8.48
CA MET A 149 -1.66 -22.72 7.11
C MET A 149 -2.30 -21.40 6.70
N PHE A 150 -1.47 -20.46 6.24
CA PHE A 150 -1.97 -19.19 5.72
C PHE A 150 -1.04 -18.68 4.64
N ASN A 151 -1.56 -17.72 3.86
CA ASN A 151 -0.83 -17.19 2.72
C ASN A 151 0.49 -16.55 3.15
N LEU A 152 1.60 -17.15 2.72
CA LEU A 152 2.93 -16.61 3.01
C LEU A 152 3.49 -15.78 1.85
N GLN A 153 2.72 -15.60 0.78
CA GLN A 153 3.19 -14.87 -0.39
C GLN A 153 2.83 -13.40 -0.35
N GLU A 154 1.95 -12.99 0.56
CA GLU A 154 1.55 -11.61 0.71
C GLU A 154 1.86 -11.16 2.14
N PRO A 155 2.59 -10.06 2.31
CA PRO A 155 3.03 -9.66 3.66
C PRO A 155 1.90 -9.21 4.56
N TYR A 156 0.74 -8.86 4.00
CA TYR A 156 -0.44 -8.54 4.80
C TYR A 156 -0.67 -9.60 5.87
N PHE A 157 -0.49 -10.87 5.51
CA PHE A 157 -0.86 -11.97 6.40
C PHE A 157 0.18 -12.21 7.49
N THR A 158 1.44 -11.90 7.23
CA THR A 158 2.51 -12.06 8.20
C THR A 158 2.73 -10.81 9.05
N TRP A 159 2.23 -9.67 8.59
CA TRP A 159 2.47 -8.42 9.32
C TRP A 159 2.00 -8.44 10.77
N PRO A 160 0.86 -9.05 11.14
CA PRO A 160 0.50 -9.06 12.57
C PRO A 160 1.59 -9.62 13.47
N LEU A 161 2.22 -10.72 13.05
CA LEU A 161 3.31 -11.30 13.83
C LEU A 161 4.54 -10.41 13.84
N ILE A 162 4.85 -9.78 12.70
CA ILE A 162 6.01 -8.89 12.63
C ILE A 162 5.84 -7.72 13.58
N ALA A 163 4.62 -7.17 13.66
CA ALA A 163 4.38 -5.98 14.47
C ALA A 163 4.14 -6.30 15.94
N ALA A 164 3.80 -7.56 16.27
CA ALA A 164 3.45 -7.92 17.64
C ALA A 164 4.46 -7.39 18.65
N ASP A 165 5.75 -7.68 18.46
CA ASP A 165 6.79 -7.36 19.43
C ASP A 165 7.48 -6.03 19.14
N GLY A 166 6.88 -5.16 18.34
CA GLY A 166 7.42 -3.82 18.16
C GLY A 166 7.78 -3.45 16.74
N GLY A 167 7.61 -4.32 15.75
CA GLY A 167 7.78 -3.91 14.37
C GLY A 167 6.71 -2.92 13.95
N TYR A 168 7.08 -1.98 13.08
CA TYR A 168 6.11 -1.01 12.60
C TYR A 168 6.52 -0.52 11.23
N ALA A 169 5.55 0.05 10.51
CA ALA A 169 5.81 0.61 9.20
C ALA A 169 6.36 2.03 9.36
N PHE A 170 5.48 3.00 9.50
CA PHE A 170 5.86 4.39 9.70
C PHE A 170 5.30 4.87 11.04
N LYS A 171 6.18 5.44 11.88
CA LYS A 171 5.76 5.91 13.19
C LYS A 171 4.80 7.08 13.06
N TYR A 172 3.78 7.10 13.92
CA TYR A 172 2.75 8.14 13.88
C TYR A 172 3.04 9.25 14.90
N ASP A 178 5.34 9.78 10.12
CA ASP A 178 6.38 10.41 9.31
C ASP A 178 7.17 9.36 8.54
N ILE A 179 7.47 9.65 7.26
CA ILE A 179 8.14 8.68 6.41
C ILE A 179 9.62 8.54 6.71
N LYS A 180 10.13 9.21 7.74
CA LYS A 180 11.54 9.12 8.11
C LYS A 180 11.83 7.96 9.06
N ASP A 181 10.92 7.69 10.00
CA ASP A 181 11.09 6.65 11.01
C ASP A 181 10.39 5.39 10.54
N VAL A 182 11.16 4.42 10.05
CA VAL A 182 10.65 3.14 9.59
C VAL A 182 11.14 2.06 10.56
N GLY A 183 10.23 1.15 10.95
CA GLY A 183 10.57 0.16 11.95
C GLY A 183 10.48 -1.28 11.50
N VAL A 184 10.74 -1.55 10.23
CA VAL A 184 10.68 -2.93 9.74
C VAL A 184 11.94 -3.72 10.06
N ASP A 185 12.98 -3.08 10.63
CA ASP A 185 14.22 -3.78 10.92
C ASP A 185 14.66 -3.61 12.38
N ASN A 186 13.74 -3.33 13.30
CA ASN A 186 14.11 -3.26 14.70
C ASN A 186 13.99 -4.66 15.32
N ALA A 187 14.33 -4.76 16.62
CA ALA A 187 14.39 -6.06 17.28
C ALA A 187 13.05 -6.80 17.25
N GLY A 188 11.93 -6.06 17.32
CA GLY A 188 10.64 -6.72 17.32
C GLY A 188 10.28 -7.33 15.99
N ALA A 189 10.52 -6.59 14.91
CA ALA A 189 10.28 -7.12 13.57
C ALA A 189 11.13 -8.35 13.32
N LYS A 190 12.40 -8.29 13.72
CA LYS A 190 13.30 -9.43 13.64
C LYS A 190 12.75 -10.63 14.39
N ALA A 191 12.25 -10.39 15.61
CA ALA A 191 11.74 -11.50 16.43
C ALA A 191 10.54 -12.16 15.77
N GLY A 192 9.62 -11.37 15.23
CA GLY A 192 8.45 -11.95 14.59
C GLY A 192 8.79 -12.73 13.33
N LEU A 193 9.60 -12.12 12.44
CA LEU A 193 9.98 -12.83 11.23
C LEU A 193 10.79 -14.08 11.55
N THR A 194 11.63 -14.01 12.59
CA THR A 194 12.40 -15.18 12.99
C THR A 194 11.49 -16.29 13.50
N PHE A 195 10.45 -15.94 14.26
CA PHE A 195 9.52 -16.98 14.67
C PHE A 195 8.87 -17.65 13.46
N LEU A 196 8.46 -16.86 12.48
CA LEU A 196 7.85 -17.44 11.27
C LEU A 196 8.84 -18.36 10.54
N VAL A 197 10.07 -17.87 10.35
CA VAL A 197 11.08 -18.67 9.65
C VAL A 197 11.38 -19.95 10.42
N ASP A 198 11.36 -19.89 11.75
CA ASP A 198 11.60 -21.09 12.56
C ASP A 198 10.44 -22.06 12.44
N LEU A 199 9.20 -21.56 12.34
CA LEU A 199 8.07 -22.43 12.03
C LEU A 199 8.29 -23.15 10.72
N ILE A 200 8.85 -22.46 9.73
CA ILE A 200 9.09 -23.09 8.43
C ILE A 200 10.22 -24.11 8.51
N LYS A 201 11.31 -23.76 9.20
CA LYS A 201 12.47 -24.65 9.26
C LYS A 201 12.16 -25.93 10.01
N ASN A 202 11.30 -25.86 11.02
CA ASN A 202 10.87 -27.03 11.77
C ASN A 202 9.68 -27.75 11.13
N LYS A 203 9.37 -27.42 9.88
CA LYS A 203 8.37 -28.13 9.07
C LYS A 203 6.97 -28.03 9.68
N HIS A 204 6.70 -26.95 10.41
CA HIS A 204 5.34 -26.64 10.83
C HIS A 204 4.59 -25.85 9.77
N MET A 205 5.29 -25.17 8.86
CA MET A 205 4.69 -24.46 7.75
C MET A 205 5.58 -24.61 6.53
N ASN A 206 4.99 -24.36 5.35
CA ASN A 206 5.67 -24.53 4.08
C ASN A 206 5.85 -23.16 3.42
N ALA A 207 7.06 -22.89 2.94
CA ALA A 207 7.37 -21.56 2.43
C ALA A 207 6.55 -21.23 1.18
N ASP A 208 6.14 -22.23 0.42
CA ASP A 208 5.43 -22.01 -0.84
C ASP A 208 3.93 -21.81 -0.66
N THR A 209 3.43 -21.93 0.56
CA THR A 209 1.99 -21.83 0.80
C THR A 209 1.46 -20.46 0.40
N ASP A 210 0.44 -20.44 -0.46
CA ASP A 210 -0.19 -19.21 -0.91
C ASP A 210 -1.67 -19.21 -0.46
N TYR A 211 -2.43 -18.26 -1.00
CA TYR A 211 -3.82 -18.11 -0.59
C TYR A 211 -4.64 -19.34 -0.93
N SER A 212 -4.52 -19.84 -2.18
CA SER A 212 -5.32 -20.97 -2.61
C SER A 212 -4.97 -22.23 -1.82
N ILE A 213 -3.67 -22.46 -1.59
CA ILE A 213 -3.25 -23.68 -0.90
C ILE A 213 -3.77 -23.69 0.54
N ALA A 214 -3.62 -22.57 1.25
CA ALA A 214 -4.09 -22.50 2.63
C ALA A 214 -5.60 -22.60 2.71
N GLU A 215 -6.31 -21.90 1.82
CA GLU A 215 -7.77 -21.97 1.81
C GLU A 215 -8.25 -23.40 1.55
N ALA A 216 -7.64 -24.06 0.57
CA ALA A 216 -8.04 -25.43 0.25
C ALA A 216 -7.77 -26.38 1.40
N ALA A 217 -6.62 -26.22 2.07
CA ALA A 217 -6.30 -27.12 3.17
C ALA A 217 -7.22 -26.91 4.35
N PHE A 218 -7.60 -25.66 4.65
CA PHE A 218 -8.51 -25.43 5.77
C PHE A 218 -9.92 -25.91 5.43
N ASN A 219 -10.41 -25.59 4.23
CA ASN A 219 -11.79 -25.92 3.89
C ASN A 219 -11.99 -27.41 3.62
N LYS A 220 -10.91 -28.16 3.40
CA LYS A 220 -10.97 -29.61 3.31
C LYS A 220 -10.76 -30.28 4.65
N GLY A 221 -10.46 -29.52 5.70
CA GLY A 221 -10.25 -30.08 7.02
C GLY A 221 -8.89 -30.69 7.26
N GLU A 222 -7.89 -30.31 6.48
CA GLU A 222 -6.54 -30.86 6.65
C GLU A 222 -5.71 -30.08 7.66
N THR A 223 -5.96 -28.78 7.79
CA THR A 223 -5.26 -27.95 8.75
C THR A 223 -6.26 -27.34 9.71
N ALA A 224 -5.83 -27.16 10.97
CA ALA A 224 -6.76 -26.77 12.03
C ALA A 224 -6.97 -25.27 12.11
N MET A 225 -6.07 -24.46 11.56
CA MET A 225 -6.18 -23.02 11.65
C MET A 225 -5.75 -22.37 10.35
N THR A 226 -6.29 -21.18 10.11
CA THR A 226 -5.81 -20.29 9.06
C THR A 226 -5.96 -18.87 9.57
N ILE A 227 -5.36 -17.93 8.83
CA ILE A 227 -5.46 -16.52 9.16
C ILE A 227 -6.07 -15.83 7.96
N ASN A 228 -7.21 -15.16 8.15
CA ASN A 228 -7.84 -14.58 6.97
C ASN A 228 -8.89 -13.55 7.38
N GLY A 229 -9.45 -12.90 6.37
CA GLY A 229 -10.41 -11.85 6.55
C GLY A 229 -11.82 -12.30 6.29
N PRO A 230 -12.78 -11.38 6.46
CA PRO A 230 -14.20 -11.75 6.34
C PRO A 230 -14.58 -12.32 4.98
N TRP A 231 -13.96 -11.83 3.91
CA TRP A 231 -14.30 -12.28 2.55
C TRP A 231 -14.18 -13.79 2.40
N ALA A 232 -13.34 -14.44 3.21
CA ALA A 232 -13.11 -15.86 3.08
C ALA A 232 -14.22 -16.71 3.70
N TRP A 233 -14.99 -16.13 4.63
CA TRP A 233 -16.00 -16.89 5.37
C TRP A 233 -16.95 -17.63 4.42
N SER A 234 -17.39 -16.95 3.35
CA SER A 234 -18.31 -17.56 2.38
C SER A 234 -17.83 -18.94 1.95
N ASN A 235 -16.56 -19.04 1.54
CA ASN A 235 -16.10 -20.32 1.03
C ASN A 235 -16.09 -21.36 2.14
N ILE A 236 -15.70 -20.95 3.35
CA ILE A 236 -15.76 -21.87 4.49
C ILE A 236 -17.20 -22.30 4.73
N ASP A 237 -18.15 -21.38 4.53
CA ASP A 237 -19.55 -21.76 4.72
C ASP A 237 -19.93 -22.86 3.76
N THR A 238 -19.46 -22.78 2.51
CA THR A 238 -19.77 -23.84 1.55
C THR A 238 -19.02 -25.12 1.89
N SER A 239 -17.87 -25.00 2.56
CA SER A 239 -17.10 -26.17 2.99
C SER A 239 -17.82 -26.97 4.05
N LYS A 240 -18.69 -26.34 4.84
CA LYS A 240 -19.39 -26.93 5.97
C LYS A 240 -18.45 -27.28 7.12
N VAL A 241 -17.23 -26.75 7.11
CA VAL A 241 -16.33 -26.89 8.26
C VAL A 241 -16.92 -26.13 9.44
N ASN A 242 -16.92 -26.78 10.61
CA ASN A 242 -17.39 -26.18 11.85
C ASN A 242 -16.31 -25.22 12.34
N TYR A 243 -16.43 -23.95 11.95
CA TYR A 243 -15.35 -23.00 12.19
C TYR A 243 -15.76 -21.89 13.15
N GLY A 244 -14.74 -21.35 13.83
CA GLY A 244 -14.90 -20.13 14.59
C GLY A 244 -13.88 -19.09 14.16
N VAL A 245 -14.19 -17.84 14.48
CA VAL A 245 -13.34 -16.70 14.20
C VAL A 245 -13.00 -16.05 15.54
N THR A 246 -11.71 -15.80 15.77
CA THR A 246 -11.29 -15.41 17.10
C THR A 246 -10.02 -14.54 17.03
N VAL A 247 -9.63 -14.05 18.21
CA VAL A 247 -8.48 -13.16 18.33
C VAL A 247 -7.23 -13.89 17.87
N LEU A 248 -6.34 -13.15 17.20
CA LEU A 248 -5.07 -13.72 16.79
C LEU A 248 -4.23 -14.07 18.02
N PRO A 249 -3.39 -15.10 17.92
CA PRO A 249 -2.54 -15.45 19.06
C PRO A 249 -1.56 -14.33 19.38
N THR A 250 -1.16 -14.28 20.64
CA THR A 250 -0.15 -13.32 21.06
C THR A 250 1.24 -13.84 20.72
N PHE A 251 2.21 -12.93 20.69
CA PHE A 251 3.61 -13.27 20.49
C PHE A 251 4.43 -12.51 21.53
N LYS A 252 5.20 -13.25 22.33
CA LYS A 252 5.97 -12.69 23.44
C LYS A 252 5.06 -11.91 24.39
N GLY A 253 3.86 -12.45 24.62
CA GLY A 253 2.89 -11.82 25.50
C GLY A 253 2.19 -10.62 24.95
N GLN A 254 2.45 -10.25 23.69
CA GLN A 254 1.88 -9.07 23.04
C GLN A 254 0.87 -9.45 21.99
N PRO A 255 -0.23 -8.71 21.88
CA PRO A 255 -1.22 -9.01 20.83
C PRO A 255 -0.61 -8.90 19.43
N SER A 256 -1.08 -9.77 18.54
CA SER A 256 -0.79 -9.59 17.12
C SER A 256 -1.50 -8.33 16.63
N LYS A 257 -0.83 -7.60 15.74
CA LYS A 257 -1.30 -6.28 15.30
C LYS A 257 -1.52 -6.30 13.80
N PRO A 258 -2.70 -6.71 13.33
CA PRO A 258 -2.98 -6.65 11.89
C PRO A 258 -3.10 -5.21 11.42
N PHE A 259 -2.63 -4.97 10.20
CA PHE A 259 -2.88 -3.71 9.51
C PHE A 259 -4.34 -3.67 9.07
N VAL A 260 -5.10 -2.70 9.56
CA VAL A 260 -6.53 -2.62 9.28
C VAL A 260 -6.74 -1.87 7.96
N GLY A 261 -7.54 -2.47 7.08
CA GLY A 261 -7.86 -1.86 5.80
C GLY A 261 -9.29 -1.37 5.76
N VAL A 262 -9.52 -0.28 5.07
CA VAL A 262 -10.88 0.18 4.80
C VAL A 262 -11.11 0.02 3.31
N LEU A 263 -11.82 -1.04 2.93
CA LEU A 263 -12.29 -1.16 1.55
C LEU A 263 -13.05 0.10 1.17
N SER A 264 -12.61 0.70 0.07
CA SER A 264 -13.03 2.03 -0.36
C SER A 264 -13.14 2.04 -1.88
N ALA A 265 -13.97 2.97 -2.37
CA ALA A 265 -14.28 3.13 -3.78
C ALA A 265 -13.85 4.53 -4.22
N GLY A 266 -12.90 4.58 -5.13
CA GLY A 266 -12.40 5.84 -5.67
C GLY A 266 -12.88 6.04 -7.09
N ILE A 267 -13.10 7.30 -7.44
CA ILE A 267 -13.59 7.68 -8.76
C ILE A 267 -12.41 8.17 -9.58
N ASN A 268 -12.25 7.60 -10.77
CA ASN A 268 -11.18 7.97 -11.69
C ASN A 268 -11.30 9.44 -12.08
N ALA A 269 -10.21 10.20 -11.87
CA ALA A 269 -10.20 11.60 -12.25
C ALA A 269 -10.47 11.80 -13.73
N ALA A 270 -10.20 10.81 -14.56
CA ALA A 270 -10.40 10.91 -16.01
C ALA A 270 -11.80 10.49 -16.43
N SER A 271 -12.64 10.03 -15.51
CA SER A 271 -13.96 9.53 -15.86
C SER A 271 -14.87 10.67 -16.31
N PRO A 272 -15.55 10.54 -17.45
CA PRO A 272 -16.64 11.47 -17.79
C PRO A 272 -17.97 11.13 -17.14
N ASN A 273 -17.98 10.17 -16.21
CA ASN A 273 -19.20 9.67 -15.58
C ASN A 273 -19.16 9.88 -14.07
N LYS A 274 -18.55 10.98 -13.63
CA LYS A 274 -18.36 11.19 -12.20
C LYS A 274 -19.69 11.34 -11.46
N GLU A 275 -20.66 12.02 -12.08
CA GLU A 275 -21.96 12.17 -11.42
C GLU A 275 -22.71 10.84 -11.38
N LEU A 276 -22.58 10.03 -12.44
CA LEU A 276 -23.17 8.69 -12.42
C LEU A 276 -22.52 7.84 -11.33
N ALA A 277 -21.19 7.87 -11.24
CA ALA A 277 -20.49 7.10 -10.21
C ALA A 277 -20.89 7.56 -8.81
N LYS A 278 -21.00 8.88 -8.61
CA LYS A 278 -21.44 9.40 -7.32
C LYS A 278 -22.83 8.90 -6.97
N GLU A 279 -23.77 8.98 -7.93
CA GLU A 279 -25.13 8.50 -7.69
C GLU A 279 -25.13 7.02 -7.33
N PHE A 280 -24.37 6.22 -8.09
CA PHE A 280 -24.32 4.79 -7.85
C PHE A 280 -23.77 4.48 -6.46
N LEU A 281 -22.65 5.12 -6.09
CA LEU A 281 -22.00 4.80 -4.83
C LEU A 281 -22.82 5.28 -3.64
N GLU A 282 -23.38 6.48 -3.71
CA GLU A 282 -24.07 7.06 -2.57
C GLU A 282 -25.46 6.48 -2.39
N ASN A 283 -26.20 6.24 -3.47
CA ASN A 283 -27.62 5.94 -3.37
C ASN A 283 -27.97 4.54 -3.82
N TYR A 284 -26.98 3.71 -4.16
CA TYR A 284 -27.24 2.32 -4.50
C TYR A 284 -26.39 1.39 -3.66
N LEU A 285 -25.07 1.61 -3.67
CA LEU A 285 -24.17 0.70 -2.97
C LEU A 285 -24.17 0.94 -1.47
N LEU A 286 -23.98 2.19 -1.04
CA LEU A 286 -23.91 2.51 0.38
C LEU A 286 -25.31 2.69 0.96
N THR A 287 -26.16 1.69 0.76
CA THR A 287 -27.47 1.55 1.37
C THR A 287 -27.51 0.22 2.11
N ASP A 288 -28.54 0.02 2.93
CA ASP A 288 -28.70 -1.27 3.60
C ASP A 288 -28.76 -2.40 2.58
N GLU A 289 -29.55 -2.22 1.52
CA GLU A 289 -29.76 -3.29 0.56
C GLU A 289 -28.58 -3.49 -0.38
N GLY A 290 -27.88 -2.42 -0.76
CA GLY A 290 -26.70 -2.59 -1.60
C GLY A 290 -25.57 -3.30 -0.87
N LEU A 291 -25.27 -2.83 0.34
CA LEU A 291 -24.25 -3.47 1.14
C LEU A 291 -24.63 -4.89 1.48
N GLU A 292 -25.92 -5.16 1.74
CA GLU A 292 -26.34 -6.54 1.97
C GLU A 292 -26.14 -7.41 0.74
N ALA A 293 -26.44 -6.88 -0.44
CA ALA A 293 -26.27 -7.66 -1.66
C ALA A 293 -24.81 -8.04 -1.86
N VAL A 294 -23.89 -7.12 -1.57
CA VAL A 294 -22.47 -7.47 -1.67
C VAL A 294 -22.08 -8.45 -0.55
N ASN A 295 -22.55 -8.19 0.67
CA ASN A 295 -22.17 -8.99 1.83
C ASN A 295 -22.62 -10.44 1.71
N LYS A 296 -23.76 -10.67 1.04
CA LYS A 296 -24.27 -12.04 0.90
C LYS A 296 -23.39 -12.86 -0.04
N ASP A 297 -22.72 -12.19 -0.97
CA ASP A 297 -21.76 -12.82 -1.86
C ASP A 297 -20.49 -13.16 -1.07
N LYS A 298 -19.75 -12.14 -0.64
CA LYS A 298 -18.59 -12.32 0.22
C LYS A 298 -18.65 -11.30 1.34
N PRO A 299 -18.57 -11.73 2.60
CA PRO A 299 -18.74 -10.79 3.71
C PRO A 299 -17.73 -9.64 3.65
N LEU A 300 -18.24 -8.43 3.87
CA LEU A 300 -17.44 -7.22 3.78
C LEU A 300 -16.62 -6.94 5.02
N GLY A 301 -17.02 -7.47 6.18
CA GLY A 301 -16.43 -7.05 7.43
C GLY A 301 -17.36 -6.09 8.15
N ALA A 302 -16.82 -5.14 8.91
CA ALA A 302 -17.62 -4.15 9.62
C ALA A 302 -17.86 -2.98 8.70
N VAL A 303 -19.03 -2.94 8.06
CA VAL A 303 -19.30 -1.92 7.04
C VAL A 303 -19.28 -0.52 7.66
N ALA A 304 -18.97 0.47 6.82
CA ALA A 304 -18.93 1.86 7.25
C ALA A 304 -20.31 2.46 7.46
N LEU A 305 -21.36 1.87 6.90
CA LEU A 305 -22.71 2.40 7.02
C LEU A 305 -23.28 2.02 8.38
N LYS A 306 -23.62 3.03 9.18
CA LYS A 306 -23.98 2.80 10.57
C LYS A 306 -25.23 1.92 10.69
N SER A 307 -26.26 2.20 9.90
CA SER A 307 -27.51 1.46 10.02
C SER A 307 -27.31 -0.03 9.77
N TYR A 308 -26.53 -0.39 8.76
CA TYR A 308 -26.29 -1.80 8.46
C TYR A 308 -25.30 -2.41 9.44
N GLU A 309 -24.28 -1.65 9.84
CA GLU A 309 -23.29 -2.20 10.75
C GLU A 309 -23.90 -2.50 12.12
N GLU A 310 -24.96 -1.77 12.51
CA GLU A 310 -25.61 -2.08 13.77
C GLU A 310 -26.19 -3.50 13.76
N GLU A 311 -26.67 -3.94 12.60
CA GLU A 311 -27.12 -5.33 12.46
C GLU A 311 -25.93 -6.29 12.39
N LEU A 312 -24.90 -5.94 11.63
CA LEU A 312 -23.79 -6.87 11.45
C LEU A 312 -22.99 -7.08 12.74
N ALA A 313 -22.98 -6.09 13.63
CA ALA A 313 -22.14 -6.16 14.83
C ALA A 313 -22.59 -7.25 15.80
N LYS A 314 -23.82 -7.74 15.68
CA LYS A 314 -24.27 -8.83 16.52
C LYS A 314 -23.59 -10.15 16.18
N ASP A 315 -22.98 -10.25 15.01
CA ASP A 315 -22.30 -11.47 14.58
C ASP A 315 -21.00 -11.66 15.34
N PRO A 316 -20.83 -12.78 16.04
CA PRO A 316 -19.55 -13.01 16.74
C PRO A 316 -18.34 -12.90 15.83
N ARG A 317 -18.46 -13.29 14.56
CA ARG A 317 -17.33 -13.17 13.64
C ARG A 317 -16.92 -11.73 13.44
N ILE A 318 -17.91 -10.82 13.36
CA ILE A 318 -17.63 -9.39 13.24
C ILE A 318 -17.06 -8.84 14.54
N ALA A 319 -17.56 -9.34 15.68
CA ALA A 319 -17.00 -8.91 16.96
C ALA A 319 -15.53 -9.27 17.07
N ALA A 320 -15.16 -10.48 16.61
CA ALA A 320 -13.75 -10.88 16.61
C ALA A 320 -12.95 -10.04 15.61
N THR A 321 -13.54 -9.76 14.44
CA THR A 321 -12.90 -8.88 13.48
C THR A 321 -12.55 -7.54 14.12
N MET A 322 -13.51 -6.94 14.83
CA MET A 322 -13.26 -5.66 15.44
C MET A 322 -12.32 -5.77 16.64
N GLU A 323 -12.32 -6.90 17.35
CA GLU A 323 -11.36 -7.07 18.43
C GLU A 323 -9.93 -7.07 17.88
N ASN A 324 -9.71 -7.81 16.80
CA ASN A 324 -8.40 -7.80 16.16
C ASN A 324 -8.08 -6.44 15.56
N ALA A 325 -9.08 -5.74 15.05
CA ALA A 325 -8.86 -4.41 14.49
C ALA A 325 -8.42 -3.43 15.56
N GLN A 326 -9.07 -3.47 16.72
CA GLN A 326 -8.69 -2.60 17.82
C GLN A 326 -7.31 -2.95 18.35
N LYS A 327 -6.93 -4.23 18.31
CA LYS A 327 -5.56 -4.57 18.66
C LYS A 327 -4.54 -4.14 17.61
N GLY A 328 -4.97 -3.91 16.38
CA GLY A 328 -4.08 -3.53 15.29
C GLY A 328 -4.00 -2.03 15.08
N GLU A 329 -3.73 -1.66 13.86
CA GLU A 329 -3.58 -0.29 13.51
C GLU A 329 -4.14 0.02 12.11
N ILE A 330 -4.76 1.16 11.95
CA ILE A 330 -5.28 1.57 10.64
C ILE A 330 -4.10 1.83 9.72
N MET A 331 -4.18 1.34 8.50
CA MET A 331 -3.09 1.52 7.56
C MET A 331 -2.93 3.01 7.23
N PRO A 332 -1.70 3.49 7.09
CA PRO A 332 -1.49 4.79 6.45
C PRO A 332 -1.92 4.74 4.99
N ASN A 333 -2.21 5.91 4.43
CA ASN A 333 -2.49 6.02 3.01
C ASN A 333 -1.45 6.84 2.28
N ILE A 334 -0.31 7.12 2.92
CA ILE A 334 0.75 7.91 2.33
C ILE A 334 1.22 7.23 1.06
N PRO A 335 1.67 7.99 0.05
CA PRO A 335 1.96 7.37 -1.26
C PRO A 335 3.09 6.35 -1.26
N GLN A 336 3.94 6.29 -0.24
CA GLN A 336 5.01 5.29 -0.23
C GLN A 336 4.56 3.92 0.28
N MET A 337 3.30 3.79 0.69
CA MET A 337 2.81 2.50 1.19
C MET A 337 3.11 1.38 0.21
N SER A 338 2.86 1.60 -1.08
CA SER A 338 3.15 0.60 -2.10
C SER A 338 4.59 0.12 -1.98
N ALA A 339 5.54 1.07 -2.01
CA ALA A 339 6.95 0.71 -1.88
C ALA A 339 7.17 -0.11 -0.62
N PHE A 340 6.61 0.36 0.49
CA PHE A 340 6.70 -0.38 1.75
C PHE A 340 6.25 -1.82 1.55
N TRP A 341 5.04 -1.99 1.02
CA TRP A 341 4.51 -3.34 0.87
C TRP A 341 5.44 -4.17 0.01
N TYR A 342 5.90 -3.60 -1.11
CA TYR A 342 6.76 -4.36 -1.99
C TYR A 342 7.99 -4.82 -1.24
N ALA A 343 8.62 -3.90 -0.51
CA ALA A 343 9.81 -4.26 0.23
C ALA A 343 9.51 -5.40 1.19
N VAL A 344 8.45 -5.25 1.99
CA VAL A 344 8.17 -6.27 3.00
C VAL A 344 7.79 -7.57 2.33
N ARG A 345 7.07 -7.49 1.20
CA ARG A 345 6.73 -8.71 0.49
C ARG A 345 8.00 -9.49 0.19
N THR A 346 8.96 -8.82 -0.46
CA THR A 346 10.17 -9.51 -0.84
C THR A 346 10.86 -10.06 0.39
N ALA A 347 10.92 -9.25 1.45
CA ALA A 347 11.59 -9.70 2.67
C ALA A 347 10.99 -11.00 3.15
N VAL A 348 9.66 -11.04 3.31
CA VAL A 348 9.05 -12.23 3.87
C VAL A 348 9.38 -13.43 3.01
N ILE A 349 9.24 -13.27 1.69
CA ILE A 349 9.47 -14.40 0.80
C ILE A 349 10.92 -14.84 0.91
N ASN A 350 11.85 -13.88 0.84
CA ASN A 350 13.25 -14.24 0.90
C ASN A 350 13.60 -14.84 2.25
N ALA A 351 12.97 -14.35 3.32
CA ALA A 351 13.26 -14.95 4.62
C ALA A 351 12.72 -16.36 4.68
N ALA A 352 11.54 -16.60 4.10
CA ALA A 352 10.88 -17.89 4.25
C ALA A 352 11.56 -18.96 3.40
N SER A 353 12.08 -18.58 2.24
CA SER A 353 12.74 -19.51 1.32
C SER A 353 14.18 -19.79 1.70
N GLY A 354 14.79 -18.95 2.53
CA GLY A 354 16.20 -19.08 2.84
C GLY A 354 17.12 -18.35 1.88
N ARG A 355 16.58 -17.60 0.92
CA ARG A 355 17.40 -16.82 0.01
C ARG A 355 18.13 -15.69 0.73
N GLN A 356 17.59 -15.24 1.87
CA GLN A 356 18.24 -14.27 2.72
C GLN A 356 17.98 -14.64 4.17
N THR A 357 18.88 -14.23 5.05
CA THR A 357 18.58 -14.31 6.47
C THR A 357 17.51 -13.28 6.82
N VAL A 358 16.98 -13.38 8.03
CA VAL A 358 16.01 -12.39 8.50
C VAL A 358 16.66 -11.01 8.54
N ASP A 359 17.90 -10.94 9.04
CA ASP A 359 18.61 -9.66 9.13
C ASP A 359 18.77 -9.03 7.74
N GLU A 360 19.32 -9.78 6.79
CA GLU A 360 19.49 -9.25 5.43
C GLU A 360 18.16 -8.82 4.82
N ALA A 361 17.14 -9.68 4.95
CA ALA A 361 15.85 -9.40 4.32
C ALA A 361 15.25 -8.11 4.88
N LEU A 362 15.26 -7.96 6.20
CA LEU A 362 14.66 -6.78 6.81
C LEU A 362 15.50 -5.53 6.58
N LYS A 363 16.83 -5.65 6.53
CA LYS A 363 17.65 -4.50 6.17
C LYS A 363 17.27 -3.98 4.79
N ASP A 364 17.15 -4.90 3.82
CA ASP A 364 16.72 -4.50 2.48
C ASP A 364 15.34 -3.86 2.52
N ALA A 365 14.42 -4.44 3.30
CA ALA A 365 13.08 -3.87 3.40
C ALA A 365 13.11 -2.45 3.98
N GLN A 366 13.97 -2.23 4.97
CA GLN A 366 14.14 -0.91 5.55
C GLN A 366 14.63 0.08 4.51
N THR A 367 15.67 -0.29 3.76
CA THR A 367 16.18 0.56 2.70
C THR A 367 15.09 0.91 1.70
N GLY A 368 14.35 -0.11 1.26
CA GLY A 368 13.29 0.12 0.28
C GLY A 368 12.19 1.02 0.81
N SER A 369 11.83 0.86 2.09
CA SER A 369 10.76 1.65 2.66
C SER A 369 11.18 3.10 2.90
N GLU A 370 12.45 3.34 3.22
CA GLU A 370 12.93 4.70 3.49
C GLU A 370 13.37 5.44 2.25
N LEU A 371 13.56 4.73 1.13
CA LEU A 371 14.16 5.31 -0.07
C LEU A 371 13.49 6.61 -0.49
N TYR A 372 12.16 6.66 -0.53
CA TYR A 372 11.49 7.85 -1.03
C TYR A 372 11.84 9.07 -0.19
N ARG A 373 11.60 8.99 1.13
CA ARG A 373 11.83 10.16 1.98
C ARG A 373 13.30 10.55 2.00
N GLN A 374 14.21 9.56 1.98
CA GLN A 374 15.64 9.86 2.00
C GLN A 374 16.07 10.60 0.74
N SER A 375 15.69 10.06 -0.43
CA SER A 375 15.99 10.73 -1.69
C SER A 375 15.36 12.12 -1.74
N LEU A 376 14.12 12.25 -1.26
CA LEU A 376 13.45 13.54 -1.33
C LEU A 376 14.17 14.57 -0.48
N GLU A 377 14.56 14.21 0.74
CA GLU A 377 15.30 15.15 1.58
C GLU A 377 16.56 15.61 0.87
N ILE A 378 17.34 14.67 0.32
CA ILE A 378 18.61 15.05 -0.32
C ILE A 378 18.35 15.96 -1.52
N ILE A 379 17.47 15.52 -2.43
CA ILE A 379 17.26 16.24 -3.69
C ILE A 379 16.64 17.60 -3.44
N SER A 380 15.64 17.69 -2.56
CA SER A 380 15.03 18.97 -2.20
C SER A 380 16.05 19.94 -1.64
N ARG A 381 16.86 19.49 -0.66
CA ARG A 381 17.85 20.39 -0.08
C ARG A 381 18.83 20.88 -1.13
N TYR A 382 19.29 19.97 -2.00
CA TYR A 382 20.25 20.39 -3.03
C TYR A 382 19.63 21.41 -3.97
N LEU A 383 18.41 21.14 -4.45
CA LEU A 383 17.79 22.05 -5.41
C LEU A 383 17.54 23.42 -4.80
N ARG A 384 17.06 23.46 -3.54
CA ARG A 384 16.75 24.74 -2.91
C ARG A 384 18.01 25.53 -2.61
N GLU A 385 19.07 24.87 -2.13
CA GLU A 385 20.29 25.60 -1.86
C GLU A 385 20.99 26.04 -3.15
N GLN A 386 20.81 25.29 -4.24
CA GLN A 386 21.40 25.71 -5.50
C GLN A 386 20.64 26.91 -6.07
N ALA A 387 19.32 26.91 -5.93
CA ALA A 387 18.54 28.00 -6.49
C ALA A 387 18.67 29.28 -5.67
N THR A 388 18.75 29.19 -4.34
CA THR A 388 18.78 30.39 -3.51
C THR A 388 20.18 30.80 -3.08
N GLY A 389 21.17 29.93 -3.20
CA GLY A 389 22.52 30.23 -2.77
C GLY A 389 22.77 30.09 -1.29
N ALA A 390 21.78 29.63 -0.52
CA ALA A 390 21.92 29.39 0.91
C ALA A 390 21.28 28.05 1.24
N LYS A 391 21.77 27.41 2.29
CA LYS A 391 21.36 26.05 2.62
C LYS A 391 20.22 26.05 3.62
N ASP A 392 19.52 24.90 3.69
CA ASP A 392 18.47 24.70 4.67
C ASP A 392 19.09 24.52 6.05
N THR A 393 18.56 25.25 7.03
CA THR A 393 19.07 25.18 8.40
C THR A 393 18.47 24.04 9.21
N LYS A 394 17.59 23.24 8.63
CA LYS A 394 16.89 22.24 9.42
C LYS A 394 17.80 21.06 9.75
N PRO A 395 17.62 20.44 10.92
CA PRO A 395 18.37 19.23 11.25
C PRO A 395 17.98 18.07 10.34
N MET A 396 18.95 17.18 10.10
CA MET A 396 18.78 16.13 9.11
C MET A 396 17.79 15.06 9.57
N GLY A 397 17.64 14.86 10.88
CA GLY A 397 16.68 13.90 11.38
C GLY A 397 17.19 12.47 11.48
N ARG A 398 16.28 11.50 11.40
CA ARG A 398 16.65 10.10 11.52
C ARG A 398 17.42 9.64 10.29
N SER A 399 18.40 8.75 10.52
CA SER A 399 19.37 8.36 9.48
C SER A 399 20.04 9.60 8.90
N GLY A 400 20.17 10.64 9.73
CA GLY A 400 20.66 11.93 9.29
C GLY A 400 22.09 11.93 8.84
N ALA A 401 22.90 10.99 9.34
CA ALA A 401 24.26 10.85 8.83
C ALA A 401 24.26 10.53 7.34
N THR A 402 23.38 9.62 6.92
CA THR A 402 23.30 9.29 5.49
C THR A 402 22.93 10.51 4.67
N SER A 403 21.90 11.25 5.11
CA SER A 403 21.47 12.43 4.35
C SER A 403 22.57 13.49 4.28
N ARG A 404 23.24 13.76 5.41
CA ARG A 404 24.30 14.76 5.40
C ARG A 404 25.45 14.34 4.48
N LYS A 405 25.89 13.14 4.62
CA LYS A 405 26.96 12.66 3.82
C LYS A 405 26.62 12.64 2.34
N ALA A 406 25.42 12.24 2.01
CA ALA A 406 24.99 12.19 0.61
C ALA A 406 24.86 13.60 0.04
N LEU A 407 24.41 14.57 0.83
CA LEU A 407 24.33 15.93 0.34
C LEU A 407 25.72 16.51 0.10
N GLU A 408 26.70 16.20 0.96
CA GLU A 408 28.06 16.66 0.71
C GLU A 408 28.64 16.04 -0.56
N THR A 409 28.48 14.73 -0.70
CA THR A 409 28.93 14.05 -1.91
C THR A 409 28.29 14.66 -3.15
N LEU A 410 26.97 14.88 -3.09
CA LEU A 410 26.24 15.45 -4.22
C LEU A 410 26.72 16.85 -4.53
N ARG A 411 26.96 17.67 -3.50
CA ARG A 411 27.50 18.99 -3.75
C ARG A 411 28.77 18.91 -4.60
N ARG A 412 29.74 18.11 -4.15
CA ARG A 412 30.96 17.92 -4.94
C ARG A 412 30.68 17.52 -6.39
N VAL A 413 30.10 16.33 -6.53
CA VAL A 413 30.00 15.71 -7.86
C VAL A 413 29.08 16.51 -8.77
N GLY A 414 27.97 17.01 -8.21
CA GLY A 414 27.00 17.73 -9.02
C GLY A 414 27.42 19.12 -9.41
N ASP A 415 28.21 19.81 -8.58
CA ASP A 415 28.75 21.07 -9.08
C ASP A 415 29.76 20.83 -10.18
N GLY A 416 30.55 19.75 -10.07
CA GLY A 416 31.37 19.36 -11.22
C GLY A 416 30.54 19.16 -12.48
N VAL A 417 29.47 18.36 -12.37
CA VAL A 417 28.65 18.03 -13.54
C VAL A 417 28.00 19.28 -14.11
N GLN A 418 27.49 20.16 -13.25
CA GLN A 418 26.81 21.36 -13.72
C GLN A 418 27.78 22.32 -14.40
N ARG A 419 29.03 22.40 -13.92
CA ARG A 419 30.01 23.20 -14.63
C ARG A 419 30.29 22.62 -16.01
N ASN A 420 30.61 21.33 -16.07
CA ASN A 420 31.06 20.73 -17.32
C ASN A 420 29.94 20.68 -18.37
N HIS A 421 28.69 20.47 -17.95
CA HIS A 421 27.59 20.24 -18.88
C HIS A 421 26.68 21.46 -19.05
N GLU A 422 27.25 22.67 -18.97
CA GLU A 422 26.40 23.86 -18.99
C GLU A 422 25.71 24.04 -20.34
N THR A 423 26.38 23.71 -21.44
CA THR A 423 25.81 23.96 -22.77
C THR A 423 24.59 23.09 -23.03
N ALA A 424 24.73 21.78 -22.83
CA ALA A 424 23.59 20.88 -23.04
C ALA A 424 22.46 21.19 -22.07
N PHE A 425 22.81 21.57 -20.84
CA PHE A 425 21.79 21.91 -19.85
C PHE A 425 20.98 23.12 -20.28
N GLN A 426 21.67 24.18 -20.71
CA GLN A 426 20.97 25.37 -21.19
C GLN A 426 20.12 25.04 -22.40
N GLY A 427 20.63 24.18 -23.30
CA GLY A 427 19.86 23.80 -24.47
C GLY A 427 18.58 23.09 -24.11
N MET A 428 18.67 22.07 -23.24
CA MET A 428 17.47 21.33 -22.86
C MET A 428 16.50 22.19 -22.05
N LEU A 429 17.03 23.10 -21.22
CA LEU A 429 16.15 24.01 -20.48
C LEU A 429 15.37 24.90 -21.44
N ARG A 430 16.04 25.43 -22.47
CA ARG A 430 15.33 26.22 -23.48
C ARG A 430 14.30 25.37 -24.22
N LYS A 431 14.66 24.13 -24.56
CA LYS A 431 13.75 23.28 -25.31
C LYS A 431 12.54 22.86 -24.49
N LEU A 432 12.66 22.85 -23.17
CA LEU A 432 11.54 22.45 -22.31
C LEU A 432 10.59 23.61 -22.05
N ASP A 433 11.12 24.83 -21.94
CA ASP A 433 10.33 26.04 -21.73
C ASP A 433 9.41 25.90 -20.51
N ILE A 434 9.97 25.98 -19.31
CA ILE A 434 9.22 25.85 -18.07
C ILE A 434 8.90 27.24 -17.54
N LYS A 435 7.61 27.50 -17.30
CA LYS A 435 7.14 28.81 -16.89
C LYS A 435 6.38 28.84 -15.58
N ASN A 436 5.80 27.73 -15.14
CA ASN A 436 4.88 27.80 -14.00
C ASN A 436 4.72 26.40 -13.40
N GLU A 437 3.80 26.29 -12.48
CA GLU A 437 3.58 25.02 -11.89
C GLU A 437 3.05 23.96 -12.84
N ASP A 438 2.34 24.33 -13.90
CA ASP A 438 1.78 23.34 -14.82
C ASP A 438 2.86 22.66 -15.64
N ASP A 439 3.84 23.40 -16.16
CA ASP A 439 4.91 22.77 -16.94
C ASP A 439 5.76 21.83 -16.08
N VAL A 440 5.96 22.17 -14.81
CA VAL A 440 6.71 21.29 -13.92
C VAL A 440 5.95 19.99 -13.66
N LYS A 441 4.63 20.09 -13.49
CA LYS A 441 3.81 18.88 -13.41
C LYS A 441 3.86 18.11 -14.72
N SER A 442 4.04 18.81 -15.84
CA SER A 442 4.20 18.14 -17.13
C SER A 442 5.54 17.44 -17.27
N LEU A 443 6.54 17.87 -16.51
CA LEU A 443 7.92 17.41 -16.71
C LEU A 443 8.12 15.90 -16.51
N SER A 444 7.17 15.20 -15.87
CA SER A 444 7.49 13.87 -15.33
C SER A 444 7.61 12.82 -16.44
N ARG A 445 6.70 12.83 -17.41
CA ARG A 445 6.80 11.88 -18.52
C ARG A 445 8.08 12.12 -19.31
N VAL A 446 8.44 13.38 -19.54
CA VAL A 446 9.69 13.70 -20.21
C VAL A 446 10.88 13.16 -19.42
N MET A 447 10.85 13.37 -18.11
CA MET A 447 11.92 12.88 -17.24
C MET A 447 12.07 11.37 -17.34
N ILE A 448 10.94 10.65 -17.31
CA ILE A 448 10.99 9.20 -17.40
C ILE A 448 11.57 8.77 -18.74
N HIS A 449 11.20 9.47 -19.82
CA HIS A 449 11.77 9.15 -21.12
C HIS A 449 13.28 9.35 -21.14
N VAL A 450 13.77 10.52 -20.77
CA VAL A 450 15.20 10.75 -20.78
C VAL A 450 16.01 9.86 -19.83
N PHE A 451 15.42 9.52 -18.70
CA PHE A 451 16.06 8.70 -17.68
C PHE A 451 15.90 7.20 -17.95
N SER A 452 15.27 6.87 -19.07
CA SER A 452 14.97 5.51 -19.48
C SER A 452 16.01 4.73 -20.26
N ASP A 453 15.85 3.44 -20.26
CA ASP A 453 16.77 2.51 -20.89
C ASP A 453 18.24 2.89 -20.64
N GLY A 454 19.18 2.37 -21.37
CA GLY A 454 20.57 2.64 -21.13
C GLY A 454 21.10 2.00 -19.85
N VAL A 455 22.11 2.63 -19.27
CA VAL A 455 22.75 2.15 -18.05
C VAL A 455 22.16 2.87 -16.84
N THR A 456 22.26 2.22 -15.69
CA THR A 456 21.99 2.85 -14.40
C THR A 456 23.31 2.93 -13.65
N ASN A 457 23.75 4.16 -13.34
CA ASN A 457 24.91 4.38 -12.50
C ASN A 457 24.67 5.64 -11.67
N TRP A 458 25.53 5.86 -10.68
CA TRP A 458 25.39 7.04 -9.84
C TRP A 458 25.62 8.33 -10.62
N GLY A 459 26.42 8.28 -11.69
CA GLY A 459 26.66 9.48 -12.47
C GLY A 459 25.44 9.95 -13.23
N ARG A 460 24.66 9.00 -13.78
CA ARG A 460 23.41 9.37 -14.43
C ARG A 460 22.42 9.97 -13.43
N ILE A 461 22.39 9.45 -12.21
CA ILE A 461 21.53 10.00 -11.18
C ILE A 461 21.99 11.41 -10.81
N VAL A 462 23.32 11.61 -10.71
CA VAL A 462 23.86 12.94 -10.46
C VAL A 462 23.48 13.88 -11.60
N THR A 463 23.44 13.37 -12.83
CA THR A 463 23.01 14.20 -13.96
C THR A 463 21.54 14.60 -13.82
N LEU A 464 20.69 13.63 -13.48
CA LEU A 464 19.27 13.91 -13.25
C LEU A 464 19.09 15.02 -12.22
N ILE A 465 19.76 14.87 -11.08
CA ILE A 465 19.60 15.81 -9.98
C ILE A 465 20.25 17.15 -10.30
N SER A 466 21.37 17.14 -11.03
CA SER A 466 22.05 18.37 -11.37
C SER A 466 21.24 19.19 -12.36
N PHE A 467 20.65 18.53 -13.35
CA PHE A 467 19.75 19.27 -14.23
C PHE A 467 18.54 19.77 -13.46
N GLY A 468 18.05 18.99 -12.49
CA GLY A 468 17.01 19.49 -11.61
C GLY A 468 17.43 20.76 -10.90
N ALA A 469 18.68 20.82 -10.44
CA ALA A 469 19.18 22.02 -9.77
C ALA A 469 19.29 23.19 -10.75
N PHE A 470 19.71 22.91 -11.98
CA PHE A 470 19.74 23.92 -13.02
C PHE A 470 18.35 24.50 -13.28
N VAL A 471 17.35 23.63 -13.35
CA VAL A 471 15.98 24.07 -13.55
C VAL A 471 15.50 24.86 -12.34
N ALA A 472 15.89 24.44 -11.13
CA ALA A 472 15.51 25.18 -9.93
C ALA A 472 16.10 26.58 -9.94
N LYS A 473 17.36 26.70 -10.36
CA LYS A 473 17.97 28.02 -10.54
C LYS A 473 17.14 28.87 -11.50
N HIS A 474 16.77 28.29 -12.64
CA HIS A 474 15.93 29.02 -13.59
C HIS A 474 14.62 29.46 -12.96
N LEU A 475 13.96 28.57 -12.21
CA LEU A 475 12.68 28.89 -11.59
C LEU A 475 12.84 30.01 -10.58
N LYS A 476 13.96 30.03 -9.86
CA LYS A 476 14.23 31.14 -8.95
C LYS A 476 14.40 32.45 -9.72
N THR A 477 15.10 32.41 -10.85
CA THR A 477 15.32 33.62 -11.64
C THR A 477 14.01 34.23 -12.11
N ILE A 478 13.09 33.40 -12.60
CA ILE A 478 11.83 33.90 -13.15
C ILE A 478 10.77 33.97 -12.06
N ASN A 479 11.22 34.06 -10.80
CA ASN A 479 10.35 34.33 -9.67
C ASN A 479 9.30 33.22 -9.50
N GLN A 480 9.75 31.98 -9.56
CA GLN A 480 8.88 30.82 -9.38
C GLN A 480 9.48 29.85 -8.37
N GLU A 481 9.92 30.38 -7.22
CA GLU A 481 10.50 29.54 -6.18
C GLU A 481 9.53 28.45 -5.73
N SER A 482 8.23 28.77 -5.71
CA SER A 482 7.22 27.82 -5.26
C SER A 482 7.21 26.54 -6.08
N CYS A 483 7.80 26.55 -7.28
CA CYS A 483 7.81 25.37 -8.13
C CYS A 483 8.99 24.44 -7.84
N ILE A 484 9.92 24.84 -6.97
CA ILE A 484 11.12 24.03 -6.77
C ILE A 484 10.80 22.76 -6.01
N GLU A 485 9.99 22.86 -4.94
CA GLU A 485 9.66 21.67 -4.17
C GLU A 485 8.81 20.68 -4.96
N PRO A 486 7.79 21.08 -5.72
CA PRO A 486 7.15 20.13 -6.64
C PRO A 486 8.15 19.44 -7.55
N LEU A 487 9.00 20.24 -8.23
CA LEU A 487 10.03 19.69 -9.10
C LEU A 487 10.84 18.62 -8.40
N ALA A 488 11.45 18.98 -7.26
CA ALA A 488 12.19 18.01 -6.47
C ALA A 488 11.37 16.74 -6.25
N GLU A 489 10.13 16.89 -5.78
CA GLU A 489 9.30 15.73 -5.53
C GLU A 489 9.17 14.88 -6.79
N SER A 490 8.87 15.52 -7.92
CA SER A 490 8.74 14.77 -9.16
C SER A 490 10.01 14.00 -9.48
N ILE A 491 11.16 14.68 -9.35
CA ILE A 491 12.43 14.00 -9.60
C ILE A 491 12.55 12.78 -8.70
N THR A 492 12.27 12.97 -7.40
CA THR A 492 12.36 11.85 -6.49
C THR A 492 11.50 10.70 -6.98
N ASP A 493 10.25 11.00 -7.37
CA ASP A 493 9.35 9.95 -7.79
C ASP A 493 9.91 9.21 -9.00
N VAL A 494 10.52 9.94 -9.92
CA VAL A 494 11.08 9.28 -11.10
C VAL A 494 12.25 8.40 -10.69
N LEU A 495 13.08 8.86 -9.76
CA LEU A 495 14.27 8.11 -9.39
C LEU A 495 13.91 6.84 -8.64
N VAL A 496 13.17 6.96 -7.53
CA VAL A 496 12.92 5.82 -6.66
C VAL A 496 12.02 4.80 -7.34
N ARG A 497 11.19 5.21 -8.30
CA ARG A 497 10.30 4.25 -8.95
C ARG A 497 11.03 3.49 -10.05
N THR A 498 11.72 4.21 -10.94
CA THR A 498 12.36 3.59 -12.10
C THR A 498 13.64 2.83 -11.76
N LYS A 499 14.30 3.17 -10.66
CA LYS A 499 15.56 2.55 -10.27
C LYS A 499 15.48 1.87 -8.90
N ARG A 500 14.27 1.51 -8.47
CA ARG A 500 14.05 0.96 -7.13
C ARG A 500 14.99 -0.20 -6.82
N ASP A 501 15.03 -1.20 -7.69
CA ASP A 501 15.77 -2.42 -7.41
C ASP A 501 17.28 -2.16 -7.44
N TRP A 502 17.75 -1.36 -8.40
CA TRP A 502 19.17 -1.01 -8.44
C TRP A 502 19.56 -0.23 -7.20
N LEU A 503 18.73 0.75 -6.80
CA LEU A 503 19.05 1.56 -5.64
C LEU A 503 19.12 0.71 -4.38
N VAL A 504 18.18 -0.23 -4.20
CA VAL A 504 18.22 -1.08 -3.02
C VAL A 504 19.44 -1.99 -3.06
N LYS A 505 19.81 -2.46 -4.25
CA LYS A 505 21.00 -3.30 -4.36
C LYS A 505 22.27 -2.55 -3.98
N GLN A 506 22.31 -1.23 -4.20
CA GLN A 506 23.48 -0.42 -3.85
C GLN A 506 23.51 -0.01 -2.39
N ARG A 507 22.59 -0.51 -1.56
CA ARG A 507 22.35 -0.03 -0.20
C ARG A 507 21.94 1.43 -0.18
N GLY A 508 21.44 1.93 -1.31
CA GLY A 508 20.89 3.27 -1.37
C GLY A 508 21.94 4.37 -1.32
N TRP A 509 21.61 5.43 -0.60
CA TRP A 509 22.48 6.59 -0.58
C TRP A 509 23.77 6.33 0.20
N ASP A 510 23.80 5.31 1.06
CA ASP A 510 25.08 4.88 1.62
C ASP A 510 26.01 4.40 0.52
N GLY A 511 25.49 3.61 -0.42
CA GLY A 511 26.29 3.21 -1.57
C GLY A 511 26.68 4.39 -2.44
N PHE A 512 25.80 5.40 -2.53
CA PHE A 512 26.18 6.64 -3.21
C PHE A 512 27.42 7.25 -2.55
N VAL A 513 27.38 7.42 -1.25
CA VAL A 513 28.46 7.99 -0.51
C VAL A 513 29.77 7.18 -0.64
N GLU A 514 29.69 5.88 -0.60
CA GLU A 514 30.85 5.02 -0.75
C GLU A 514 31.46 5.10 -2.12
N PHE A 515 30.63 5.07 -3.13
CA PHE A 515 31.09 5.13 -4.48
C PHE A 515 31.93 6.34 -4.85
N PHE A 516 31.61 7.49 -4.31
CA PHE A 516 32.33 8.72 -4.59
C PHE A 516 33.26 9.13 -3.45
N HIS A 517 33.62 8.20 -2.58
CA HIS A 517 34.49 8.52 -1.45
C HIS A 517 35.93 8.79 -1.93
#